data_4C4N
#
_entry.id   4C4N
#
_cell.length_a   95.680
_cell.length_b   61.600
_cell.length_c   62.320
_cell.angle_alpha   90.00
_cell.angle_beta   90.00
_cell.angle_gamma   90.00
#
_symmetry.space_group_name_H-M   'P 21 21 2'
#
loop_
_entity.id
_entity.type
_entity.pdbx_description
1 polymer 'SONIC HEDGEHOG PROTEIN'
2 branched '2-deoxy-6-O-sulfo-2-(sulfoamino)-alpha-D-glucopyranose-(1-4)-2-O-sulfo-alpha-L-idopyranuronic acid-(1-4)-2-deoxy-6-O-sulfo-2-(sulfoamino)-alpha-D-glucopyranose-(1-4)-2-O-sulfo-alpha-L-idopyranuronic acid-(1-4)-2-deoxy-6-O-sulfo-2-(sulfoamino)-alpha-D-glucopyranose-(1-4)-2-O-sulfo-alpha-L-idopyranuronic acid'
3 branched '2-O-sulfo-alpha-L-idopyranuronic acid-(1-4)-2-deoxy-6-O-sulfo-2-(sulfoamino)-alpha-D-glucopyranose-(1-4)-2-O-sulfo-alpha-L-idopyranuronic acid-(1-4)-2-deoxy-6-O-sulfo-2-(sulfoamino)-alpha-D-glucopyranose-(1-4)-2-O-sulfo-alpha-L-idopyranuronic acid-(1-4)-2-deoxy-6-O-sulfo-2-(sulfoamino)-alpha-D-glucopyranose'
4 non-polymer 'ZINC ION'
5 non-polymer 'CALCIUM ION'
6 non-polymer 'CHLORIDE ION'
7 water water
#
_entity_poly.entity_id   1
_entity_poly.type   'polypeptide(L)'
_entity_poly.pdbx_seq_one_letter_code
;MALTPLAYKQFIPNVAEKTLGASGRYEGKITRNSERFKELTPNYNPDIIFKDEENTGADRLMTQRCKDKLNALAISVMNQ
WPGVKLRVTEGWDEDGHHSEESLHYEGRAVDITTSDRDRSKYGMLARLAVEAGFDWVYYESKAHIHCSVKAENSVAAKHH
HHHH
;
_entity_poly.pdbx_strand_id   A,B
#
loop_
_chem_comp.id
_chem_comp.type
_chem_comp.name
_chem_comp.formula
CA non-polymer 'CALCIUM ION' 'Ca 2'
CL non-polymer 'CHLORIDE ION' 'Cl -1'
IDS L-saccharide, alpha linking '2-O-sulfo-alpha-L-idopyranuronic acid' 'C6 H10 O10 S'
SGN D-saccharide, alpha linking 2-deoxy-6-O-sulfo-2-(sulfoamino)-alpha-D-glucopyranose 'C6 H13 N O11 S2'
ZN non-polymer 'ZINC ION' 'Zn 2'
#
# COMPACT_ATOMS: atom_id res chain seq x y z
N LEU A 3 -25.56 9.51 20.00
CA LEU A 3 -25.74 8.36 19.05
C LEU A 3 -25.77 6.99 19.74
N THR A 4 -26.48 6.03 19.17
CA THR A 4 -26.60 4.69 19.78
C THR A 4 -25.86 3.61 19.01
N PRO A 5 -25.08 2.80 19.73
CA PRO A 5 -24.28 1.79 19.03
C PRO A 5 -25.14 0.61 18.59
N LEU A 6 -24.70 -0.11 17.57
CA LEU A 6 -25.43 -1.29 17.17
C LEU A 6 -25.14 -2.45 18.13
N ALA A 7 -26.10 -3.35 18.25
CA ALA A 7 -25.93 -4.57 19.00
C ALA A 7 -25.21 -5.60 18.14
N TYR A 8 -24.61 -6.58 18.80
CA TYR A 8 -23.99 -7.71 18.12
C TYR A 8 -25.04 -8.33 17.23
N LYS A 9 -24.71 -8.45 15.94
CA LYS A 9 -25.56 -9.10 14.93
C LYS A 9 -26.72 -8.25 14.42
N GLN A 10 -26.78 -7.00 14.86
CA GLN A 10 -27.74 -6.07 14.27
C GLN A 10 -27.22 -5.58 12.91
N PHE A 11 -28.13 -5.48 11.95
CA PHE A 11 -27.84 -4.87 10.65
C PHE A 11 -28.82 -3.75 10.38
N ILE A 12 -28.36 -2.75 9.62
CA ILE A 12 -29.13 -1.54 9.33
C ILE A 12 -28.85 -1.14 7.90
N PRO A 13 -29.93 -0.95 7.09
CA PRO A 13 -31.35 -1.15 7.46
C PRO A 13 -31.64 -2.60 7.80
N ASN A 14 -32.65 -2.79 8.61
CA ASN A 14 -32.97 -4.12 9.13
C ASN A 14 -33.65 -5.01 8.06
N VAL A 15 -32.94 -5.22 6.95
CA VAL A 15 -33.34 -6.10 5.86
C VAL A 15 -32.07 -6.76 5.27
N ALA A 16 -32.24 -7.70 4.36
CA ALA A 16 -31.11 -8.42 3.79
C ALA A 16 -30.27 -7.46 2.93
N GLU A 17 -28.96 -7.70 2.94
CA GLU A 17 -28.00 -6.82 2.30
C GLU A 17 -28.29 -6.55 0.85
N LYS A 18 -28.65 -7.58 0.10
CA LYS A 18 -28.80 -7.48 -1.37
C LYS A 18 -30.21 -7.13 -1.83
N THR A 19 -30.98 -6.60 -0.91
CA THR A 19 -32.23 -5.94 -1.19
C THR A 19 -32.05 -4.48 -1.65
N LEU A 20 -32.98 -4.01 -2.48
CA LEU A 20 -33.04 -2.61 -3.00
C LEU A 20 -32.97 -1.53 -1.93
N GLY A 21 -33.63 -1.73 -0.79
CA GLY A 21 -33.53 -0.80 0.33
C GLY A 21 -32.16 -0.68 0.98
N ALA A 22 -31.33 -1.70 0.78
CA ALA A 22 -29.99 -1.78 1.34
C ALA A 22 -28.94 -1.56 0.25
N SER A 23 -28.05 -2.52 0.02
CA SER A 23 -27.03 -2.36 -1.01
C SER A 23 -27.41 -2.93 -2.38
N GLY A 24 -28.49 -3.68 -2.45
CA GLY A 24 -29.01 -4.07 -3.74
C GLY A 24 -28.20 -5.19 -4.38
N ARG A 25 -28.58 -5.48 -5.62
CA ARG A 25 -28.20 -6.68 -6.31
C ARG A 25 -26.69 -6.87 -6.42
N TYR A 26 -26.27 -8.12 -6.33
CA TYR A 26 -24.93 -8.55 -6.67
C TYR A 26 -24.81 -8.64 -8.20
N GLU A 27 -23.89 -7.89 -8.80
CA GLU A 27 -23.70 -7.92 -10.28
C GLU A 27 -22.64 -8.86 -10.91
N GLY A 28 -21.82 -9.52 -10.11
CA GLY A 28 -20.77 -10.36 -10.70
C GLY A 28 -19.45 -10.09 -10.03
N LYS A 29 -18.77 -11.16 -9.65
CA LYS A 29 -17.41 -11.13 -9.13
C LYS A 29 -16.47 -10.35 -10.07
N ILE A 30 -15.57 -9.57 -9.50
CA ILE A 30 -14.58 -8.84 -10.29
C ILE A 30 -13.22 -9.46 -9.98
N THR A 31 -12.58 -9.97 -11.02
CA THR A 31 -11.23 -10.52 -10.87
C THR A 31 -10.20 -9.50 -11.38
N ARG A 32 -8.94 -9.75 -11.01
CA ARG A 32 -7.86 -8.81 -11.30
C ARG A 32 -7.62 -8.58 -12.81
N ASN A 33 -7.86 -9.59 -13.65
CA ASN A 33 -7.67 -9.51 -15.11
C ASN A 33 -8.92 -9.15 -15.91
N SER A 34 -10.01 -8.97 -15.18
CA SER A 34 -11.31 -8.61 -15.71
C SER A 34 -11.41 -7.18 -16.29
N GLU A 35 -12.32 -7.02 -17.26
CA GLU A 35 -12.66 -5.71 -17.85
C GLU A 35 -13.16 -4.74 -16.80
N ARG A 36 -13.84 -5.26 -15.79
CA ARG A 36 -14.43 -4.50 -14.66
C ARG A 36 -13.47 -4.10 -13.54
N PHE A 37 -12.27 -4.64 -13.53
CA PHE A 37 -11.27 -4.26 -12.51
C PHE A 37 -10.91 -2.77 -12.52
N LYS A 38 -11.05 -2.14 -13.68
CA LYS A 38 -10.78 -0.72 -13.82
C LYS A 38 -11.74 0.15 -13.01
N GLU A 39 -12.93 -0.38 -12.70
CA GLU A 39 -13.93 0.34 -11.88
C GLU A 39 -13.50 0.49 -10.44
N LEU A 40 -12.50 -0.27 -10.01
CA LEU A 40 -11.98 -0.20 -8.66
C LEU A 40 -10.78 0.68 -8.63
N THR A 41 -10.69 1.55 -7.63
CA THR A 41 -9.50 2.39 -7.41
C THR A 41 -8.98 2.19 -6.01
N PRO A 42 -7.66 2.22 -5.86
CA PRO A 42 -7.12 1.95 -4.56
C PRO A 42 -7.24 3.15 -3.66
N ASN A 43 -7.67 2.93 -2.43
CA ASN A 43 -7.73 3.98 -1.43
C ASN A 43 -6.38 4.08 -0.73
N TYR A 44 -5.74 5.23 -0.81
CA TYR A 44 -4.45 5.42 -0.16
C TYR A 44 -4.55 6.44 0.96
N ASN A 45 -5.72 6.53 1.60
CA ASN A 45 -5.97 7.52 2.64
C ASN A 45 -5.05 7.23 3.83
N PRO A 46 -4.15 8.16 4.16
CA PRO A 46 -3.28 7.93 5.31
C PRO A 46 -4.03 7.83 6.67
N ASP A 47 -5.29 8.26 6.74
CA ASP A 47 -6.07 8.19 7.97
C ASP A 47 -6.84 6.89 8.09
N ILE A 48 -6.46 5.93 7.26
CA ILE A 48 -7.04 4.63 7.28
C ILE A 48 -5.92 3.63 7.29
N ILE A 49 -6.08 2.60 8.12
CA ILE A 49 -5.14 1.49 8.20
C ILE A 49 -5.73 0.33 7.41
N PHE A 50 -4.97 -0.17 6.46
CA PHE A 50 -5.37 -1.33 5.70
C PHE A 50 -4.49 -2.49 6.10
N LYS A 51 -5.14 -3.56 6.56
CA LYS A 51 -4.44 -4.71 7.12
C LYS A 51 -3.51 -5.32 6.06
N ASP A 52 -4.06 -5.55 4.88
CA ASP A 52 -3.31 -6.05 3.74
C ASP A 52 -2.43 -7.23 4.15
N GLU A 53 -3.01 -8.21 4.82
CA GLU A 53 -2.26 -9.39 5.23
C GLU A 53 -1.95 -10.24 4.00
N GLU A 54 -2.76 -10.07 2.97
CA GLU A 54 -2.56 -10.73 1.68
C GLU A 54 -1.25 -10.28 1.02
N ASN A 55 -0.77 -9.11 1.44
CA ASN A 55 0.37 -8.42 0.84
C ASN A 55 0.19 -8.22 -0.66
N THR A 56 -1.04 -7.89 -1.07
CA THR A 56 -1.36 -7.61 -2.47
C THR A 56 -1.95 -6.21 -2.71
N GLY A 57 -2.38 -5.54 -1.66
CA GLY A 57 -3.03 -4.26 -1.81
C GLY A 57 -4.53 -4.39 -2.06
N ALA A 58 -5.01 -5.62 -2.14
CA ALA A 58 -6.40 -5.88 -2.49
C ALA A 58 -7.39 -5.20 -1.54
N ASP A 59 -7.07 -5.18 -0.25
CA ASP A 59 -7.91 -4.52 0.74
C ASP A 59 -8.14 -3.04 0.43
N ARG A 60 -7.23 -2.40 -0.30
CA ARG A 60 -7.37 -0.98 -0.67
C ARG A 60 -8.33 -0.75 -1.82
N LEU A 61 -8.69 -1.81 -2.55
CA LEU A 61 -9.49 -1.65 -3.76
C LEU A 61 -10.97 -1.68 -3.44
N MET A 62 -11.69 -0.71 -3.98
CA MET A 62 -13.11 -0.54 -3.75
C MET A 62 -13.73 0.42 -4.77
N THR A 63 -15.04 0.45 -4.84
CA THR A 63 -15.73 1.30 -5.80
C THR A 63 -15.65 2.73 -5.34
N GLN A 64 -15.95 3.65 -6.24
CA GLN A 64 -16.00 5.06 -5.87
C GLN A 64 -16.93 5.28 -4.67
N ARG A 65 -18.12 4.69 -4.68
CA ARG A 65 -19.09 4.94 -3.58
C ARG A 65 -18.60 4.41 -2.23
N CYS A 66 -17.96 3.26 -2.26
CA CYS A 66 -17.36 2.69 -1.08
C CYS A 66 -16.27 3.62 -0.54
N LYS A 67 -15.46 4.13 -1.45
CA LYS A 67 -14.41 5.12 -1.12
C LYS A 67 -14.98 6.36 -0.44
N ASP A 68 -16.06 6.90 -0.99
CA ASP A 68 -16.66 8.11 -0.42
C ASP A 68 -17.13 7.86 1.02
N LYS A 69 -17.81 6.75 1.25
CA LYS A 69 -18.40 6.49 2.55
C LYS A 69 -17.31 6.11 3.57
N LEU A 70 -16.35 5.32 3.15
CA LEU A 70 -15.19 4.99 3.98
C LEU A 70 -14.37 6.20 4.39
N ASN A 71 -14.12 7.11 3.45
CA ASN A 71 -13.36 8.31 3.72
C ASN A 71 -14.13 9.24 4.65
N ALA A 72 -15.45 9.30 4.52
CA ALA A 72 -16.24 10.07 5.49
C ALA A 72 -16.15 9.42 6.86
N LEU A 73 -16.24 8.10 6.90
CA LEU A 73 -16.15 7.42 8.16
C LEU A 73 -14.78 7.61 8.85
N ALA A 74 -13.70 7.67 8.06
CA ALA A 74 -12.36 7.87 8.59
C ALA A 74 -12.31 9.12 9.44
N ILE A 75 -13.01 10.16 9.00
CA ILE A 75 -13.04 11.43 9.71
C ILE A 75 -13.79 11.30 11.03
N SER A 76 -15.00 10.74 10.99
CA SER A 76 -15.84 10.68 12.21
C SER A 76 -15.24 9.78 13.29
N VAL A 77 -14.47 8.78 12.86
CA VAL A 77 -13.76 7.89 13.79
C VAL A 77 -12.69 8.66 14.56
N MET A 78 -11.89 9.44 13.86
CA MET A 78 -10.90 10.28 14.52
C MET A 78 -11.55 11.32 15.43
N ASN A 79 -12.71 11.83 15.08
CA ASN A 79 -13.42 12.78 15.98
C ASN A 79 -14.02 12.10 17.19
N GLN A 80 -14.44 10.84 17.02
CA GLN A 80 -15.05 10.08 18.12
C GLN A 80 -14.01 9.70 19.18
N TRP A 81 -12.86 9.19 18.73
CA TRP A 81 -11.81 8.74 19.61
C TRP A 81 -10.47 9.41 19.23
N PRO A 82 -10.16 10.54 19.88
CA PRO A 82 -8.85 11.15 19.66
C PRO A 82 -7.71 10.14 19.70
N GLY A 83 -6.92 10.07 18.63
CA GLY A 83 -5.74 9.21 18.54
C GLY A 83 -5.98 7.88 17.88
N VAL A 84 -7.21 7.64 17.45
CA VAL A 84 -7.63 6.34 16.94
C VAL A 84 -8.03 6.52 15.50
N LYS A 85 -7.83 5.48 14.69
CA LYS A 85 -8.17 5.52 13.27
C LYS A 85 -9.05 4.38 12.82
N LEU A 86 -9.72 4.61 11.69
CA LEU A 86 -10.45 3.55 11.02
C LEU A 86 -9.49 2.49 10.47
N ARG A 87 -9.85 1.23 10.61
CA ARG A 87 -9.04 0.14 10.09
C ARG A 87 -9.87 -0.78 9.20
N VAL A 88 -9.32 -1.14 8.03
CA VAL A 88 -9.97 -2.08 7.15
C VAL A 88 -9.18 -3.39 7.14
N THR A 89 -9.84 -4.51 7.41
CA THR A 89 -9.24 -5.84 7.37
C THR A 89 -9.50 -6.58 6.04
N GLU A 90 -10.57 -6.21 5.33
CA GLU A 90 -10.97 -6.81 4.05
C GLU A 90 -11.68 -5.75 3.23
N GLY A 91 -11.29 -5.59 1.97
CA GLY A 91 -11.99 -4.75 1.03
C GLY A 91 -12.44 -5.65 -0.11
N TRP A 92 -12.04 -5.29 -1.33
CA TRP A 92 -12.14 -6.24 -2.44
C TRP A 92 -11.37 -7.51 -2.07
N ASP A 93 -11.92 -8.67 -2.41
CA ASP A 93 -11.29 -9.95 -2.11
C ASP A 93 -11.17 -10.80 -3.37
N GLU A 94 -10.00 -11.35 -3.59
CA GLU A 94 -9.79 -12.28 -4.69
C GLU A 94 -9.43 -13.66 -4.18
N ASP A 95 -9.35 -13.80 -2.85
CA ASP A 95 -9.02 -15.08 -2.20
C ASP A 95 -10.21 -16.05 -2.18
N GLY A 96 -11.42 -15.52 -2.31
CA GLY A 96 -12.63 -16.34 -2.19
C GLY A 96 -12.98 -16.73 -0.76
N HIS A 97 -12.73 -15.87 0.22
CA HIS A 97 -13.11 -16.27 1.60
C HIS A 97 -14.23 -15.50 2.29
N HIS A 98 -15.30 -15.37 1.52
CA HIS A 98 -16.55 -14.88 2.02
C HIS A 98 -17.65 -15.75 1.46
N SER A 99 -18.89 -15.46 1.82
CA SER A 99 -20.02 -16.23 1.28
C SER A 99 -19.97 -16.15 -0.25
N GLU A 100 -20.35 -17.22 -0.93
CA GLU A 100 -20.56 -17.14 -2.38
C GLU A 100 -21.51 -15.97 -2.64
N GLU A 101 -21.20 -15.16 -3.65
CA GLU A 101 -21.93 -13.90 -3.96
C GLU A 101 -21.69 -12.72 -2.99
N SER A 102 -20.56 -12.71 -2.27
CA SER A 102 -20.22 -11.60 -1.36
C SER A 102 -19.92 -10.31 -2.12
N LEU A 103 -20.43 -9.19 -1.60
CA LEU A 103 -20.10 -7.90 -2.19
C LEU A 103 -18.62 -7.55 -2.09
N HIS A 104 -17.86 -8.21 -1.22
CA HIS A 104 -16.39 -8.01 -1.21
C HIS A 104 -15.80 -8.37 -2.57
N TYR A 105 -16.38 -9.31 -3.30
CA TYR A 105 -15.83 -9.76 -4.58
C TYR A 105 -16.02 -8.74 -5.68
N GLU A 106 -16.75 -7.69 -5.36
CA GLU A 106 -17.14 -6.68 -6.31
C GLU A 106 -16.66 -5.29 -5.86
N GLY A 107 -15.86 -5.23 -4.80
CA GLY A 107 -15.37 -3.96 -4.27
C GLY A 107 -16.39 -3.10 -3.57
N ARG A 108 -17.51 -3.68 -3.22
CA ARG A 108 -18.61 -2.92 -2.63
C ARG A 108 -18.77 -3.10 -1.13
N ALA A 109 -17.80 -3.71 -0.47
CA ALA A 109 -17.89 -3.99 0.95
C ALA A 109 -16.55 -3.88 1.63
N VAL A 110 -16.57 -3.45 2.90
CA VAL A 110 -15.43 -3.49 3.76
C VAL A 110 -15.79 -4.13 5.09
N ASP A 111 -14.86 -4.86 5.66
CA ASP A 111 -14.91 -5.29 7.05
C ASP A 111 -13.93 -4.36 7.80
N ILE A 112 -14.37 -3.79 8.93
CA ILE A 112 -13.62 -2.76 9.62
C ILE A 112 -13.55 -2.98 11.13
N THR A 113 -12.53 -2.38 11.72
CA THR A 113 -12.34 -2.32 13.15
C THR A 113 -11.84 -0.90 13.46
N THR A 114 -11.58 -0.63 14.74
CA THR A 114 -10.79 0.53 15.10
C THR A 114 -9.33 0.12 15.05
N SER A 115 -8.44 1.09 14.89
CA SER A 115 -7.00 0.81 14.83
C SER A 115 -6.48 0.20 16.11
N ASP A 116 -7.01 0.64 17.26
CA ASP A 116 -6.58 0.13 18.58
C ASP A 116 -7.17 -1.25 18.89
N ARG A 117 -8.14 -1.69 18.10
CA ARG A 117 -8.71 -3.05 18.20
C ARG A 117 -9.48 -3.28 19.52
N ASP A 118 -9.96 -2.17 20.09
CA ASP A 118 -10.84 -2.20 21.23
C ASP A 118 -12.23 -2.62 20.76
N ARG A 119 -12.58 -3.88 21.04
CA ARG A 119 -13.87 -4.44 20.62
C ARG A 119 -15.08 -3.74 21.21
N SER A 120 -14.88 -3.06 22.34
CA SER A 120 -15.95 -2.31 22.96
C SER A 120 -16.34 -1.10 22.12
N LYS A 121 -15.46 -0.68 21.21
CA LYS A 121 -15.79 0.44 20.33
C LYS A 121 -16.60 0.06 19.08
N TYR A 122 -16.70 -1.23 18.79
CA TYR A 122 -17.22 -1.66 17.49
C TYR A 122 -18.73 -1.37 17.29
N GLY A 123 -19.51 -1.45 18.36
CA GLY A 123 -20.93 -1.09 18.31
C GLY A 123 -21.11 0.33 17.82
N MET A 124 -20.31 1.23 18.38
CA MET A 124 -20.33 2.63 18.00
C MET A 124 -19.69 2.82 16.63
N LEU A 125 -18.64 2.06 16.34
CA LEU A 125 -18.06 2.11 15.01
C LEU A 125 -19.15 1.87 13.97
N ALA A 126 -19.98 0.86 14.20
CA ALA A 126 -20.97 0.49 13.21
C ALA A 126 -21.96 1.63 13.03
N ARG A 127 -22.35 2.24 14.14
CA ARG A 127 -23.22 3.39 14.13
C ARG A 127 -22.63 4.52 13.33
N LEU A 128 -21.36 4.82 13.51
CA LEU A 128 -20.74 5.85 12.70
C LEU A 128 -20.75 5.48 11.18
N ALA A 129 -20.59 4.20 10.88
CA ALA A 129 -20.59 3.74 9.50
C ALA A 129 -21.94 4.03 8.87
N VAL A 130 -23.01 3.81 9.63
CA VAL A 130 -24.36 4.16 9.18
C VAL A 130 -24.50 5.67 8.89
N GLU A 131 -24.00 6.50 9.80
CA GLU A 131 -24.05 7.96 9.66
C GLU A 131 -23.19 8.46 8.50
N ALA A 132 -22.10 7.76 8.22
CA ALA A 132 -21.29 8.10 7.08
C ALA A 132 -21.95 7.72 5.74
N GLY A 133 -23.07 7.00 5.76
CA GLY A 133 -23.84 6.77 4.57
C GLY A 133 -23.65 5.40 3.94
N PHE A 134 -23.05 4.41 4.62
CA PHE A 134 -22.97 3.05 4.06
C PHE A 134 -24.40 2.54 3.90
N ASP A 135 -24.68 1.84 2.82
CA ASP A 135 -26.04 1.46 2.49
C ASP A 135 -26.47 0.21 3.28
N TRP A 136 -25.51 -0.58 3.76
CA TRP A 136 -25.80 -1.67 4.70
C TRP A 136 -24.64 -1.77 5.68
N VAL A 137 -24.97 -1.87 6.96
CA VAL A 137 -23.99 -2.02 8.02
C VAL A 137 -24.43 -3.15 8.93
N TYR A 138 -23.53 -4.13 9.14
CA TYR A 138 -23.85 -5.35 9.88
C TYR A 138 -22.74 -5.62 10.88
N TYR A 139 -23.10 -5.73 12.16
CA TYR A 139 -22.17 -6.11 13.23
C TYR A 139 -22.01 -7.63 13.11
N GLU A 140 -21.22 -8.04 12.13
CA GLU A 140 -21.21 -9.42 11.64
C GLU A 140 -20.51 -10.33 12.62
N SER A 141 -19.57 -9.77 13.37
CA SER A 141 -18.68 -10.58 14.18
C SER A 141 -18.13 -9.77 15.36
N LYS A 142 -17.73 -10.47 16.42
CA LYS A 142 -17.11 -9.82 17.58
C LYS A 142 -15.86 -9.05 17.12
N ALA A 143 -15.23 -9.56 16.06
CA ALA A 143 -13.99 -9.03 15.53
C ALA A 143 -14.13 -7.87 14.54
N HIS A 144 -15.28 -7.72 13.88
CA HIS A 144 -15.38 -6.69 12.85
C HIS A 144 -16.81 -6.29 12.51
N ILE A 145 -16.95 -5.10 11.93
CA ILE A 145 -18.19 -4.66 11.28
C ILE A 145 -18.08 -4.81 9.76
N HIS A 146 -19.09 -5.40 9.12
CA HIS A 146 -19.19 -5.45 7.65
C HIS A 146 -20.07 -4.30 7.15
N CYS A 147 -19.54 -3.51 6.22
CA CYS A 147 -20.27 -2.39 5.62
C CYS A 147 -20.25 -2.53 4.11
N SER A 148 -21.38 -2.27 3.43
CA SER A 148 -21.41 -2.33 1.97
C SER A 148 -22.12 -1.13 1.37
N VAL A 149 -21.94 -0.97 0.06
CA VAL A 149 -22.60 0.07 -0.70
C VAL A 149 -23.24 -0.47 -1.98
N LYS A 150 -24.24 0.30 -2.41
CA LYS A 150 -24.89 0.15 -3.69
C LYS A 150 -23.89 0.28 -4.82
N ALA A 151 -24.24 -0.37 -5.94
CA ALA A 151 -23.53 -0.27 -7.20
C ALA A 151 -23.54 1.15 -7.80
N GLU A 152 -22.53 1.46 -8.60
CA GLU A 152 -22.39 2.79 -9.22
C GLU A 152 -23.51 3.02 -10.24
N ASN A 153 -24.19 4.16 -10.11
CA ASN A 153 -25.31 4.58 -11.03
C ASN A 153 -24.82 5.10 -12.38
N LEU B 3 31.03 -10.00 -3.30
CA LEU B 3 32.24 -10.44 -2.56
C LEU B 3 32.84 -9.33 -1.68
N THR B 4 33.10 -8.12 -2.19
CA THR B 4 33.66 -7.05 -1.32
C THR B 4 32.64 -5.91 -1.05
N PRO B 5 32.43 -5.56 0.24
CA PRO B 5 31.41 -4.56 0.58
C PRO B 5 31.86 -3.15 0.22
N LEU B 6 30.89 -2.25 0.02
CA LEU B 6 31.26 -0.87 -0.23
C LEU B 6 31.67 -0.20 1.06
N ALA B 7 32.52 0.79 0.92
CA ALA B 7 32.87 1.62 2.05
C ALA B 7 31.78 2.69 2.24
N TYR B 8 31.72 3.23 3.46
CA TYR B 8 30.85 4.35 3.77
C TYR B 8 31.18 5.47 2.78
N LYS B 9 30.14 5.92 2.08
CA LYS B 9 30.20 7.04 1.14
C LYS B 9 30.79 6.68 -0.21
N GLN B 10 31.09 5.40 -0.44
CA GLN B 10 31.47 4.98 -1.76
C GLN B 10 30.22 4.88 -2.63
N PHE B 11 30.34 5.29 -3.88
CA PHE B 11 29.30 5.05 -4.90
C PHE B 11 29.88 4.29 -6.07
N ILE B 12 29.03 3.51 -6.74
CA ILE B 12 29.42 2.68 -7.87
C ILE B 12 28.33 2.67 -8.91
N PRO B 13 28.68 2.91 -10.20
CA PRO B 13 30.02 3.32 -10.65
C PRO B 13 30.51 4.62 -9.99
N ASN B 14 31.83 4.78 -9.92
CA ASN B 14 32.43 5.92 -9.23
C ASN B 14 32.36 7.21 -10.05
N VAL B 15 31.12 7.61 -10.38
CA VAL B 15 30.82 8.86 -11.07
C VAL B 15 29.48 9.39 -10.55
N ALA B 16 29.09 10.58 -10.97
CA ALA B 16 27.85 11.19 -10.48
C ALA B 16 26.66 10.40 -10.98
N GLU B 17 25.63 10.35 -10.15
CA GLU B 17 24.45 9.54 -10.40
C GLU B 17 23.82 9.81 -11.74
N LYS B 18 23.66 11.08 -12.10
CA LYS B 18 22.84 11.46 -13.27
C LYS B 18 23.64 11.54 -14.54
N THR B 19 24.84 10.96 -14.51
CA THR B 19 25.64 10.78 -15.73
C THR B 19 25.17 9.52 -16.47
N LEU B 20 25.34 9.58 -17.79
CA LEU B 20 25.14 8.42 -18.60
C LEU B 20 26.29 7.56 -18.17
N GLY B 21 26.04 6.30 -17.96
CA GLY B 21 27.07 5.43 -17.45
C GLY B 21 26.65 5.04 -16.06
N ALA B 22 25.97 5.93 -15.35
CA ALA B 22 25.27 5.58 -14.11
C ALA B 22 23.76 5.50 -14.39
N SER B 23 22.93 6.29 -13.70
CA SER B 23 21.48 6.26 -13.94
C SER B 23 20.99 7.29 -14.94
N GLY B 24 21.81 8.25 -15.30
CA GLY B 24 21.44 9.13 -16.38
C GLY B 24 20.44 10.19 -15.97
N ARG B 25 19.98 10.94 -16.98
CA ARG B 25 19.29 12.20 -16.82
C ARG B 25 18.03 12.10 -15.95
N TYR B 26 17.80 13.14 -15.17
CA TYR B 26 16.54 13.35 -14.49
C TYR B 26 15.54 13.87 -15.50
N GLU B 27 14.45 13.15 -15.69
CA GLU B 27 13.31 13.62 -16.47
C GLU B 27 12.43 14.10 -15.32
N GLY B 28 11.46 14.97 -15.54
CA GLY B 28 10.60 15.51 -14.45
C GLY B 28 10.09 14.71 -13.21
N LYS B 29 9.89 15.41 -12.11
CA LYS B 29 9.13 14.94 -10.95
C LYS B 29 7.79 14.31 -11.36
N ILE B 30 7.41 13.21 -10.72
CA ILE B 30 6.08 12.62 -10.95
C ILE B 30 5.22 12.80 -9.70
N THR B 31 4.10 13.49 -9.85
CA THR B 31 3.18 13.71 -8.75
C THR B 31 1.98 12.76 -8.88
N ARG B 32 1.24 12.63 -7.77
CA ARG B 32 0.16 11.64 -7.69
C ARG B 32 -0.96 11.88 -8.70
N ASN B 33 -1.23 13.14 -9.05
CA ASN B 33 -2.31 13.45 -10.00
C ASN B 33 -1.85 13.52 -11.45
N SER B 34 -0.55 13.43 -11.64
CA SER B 34 0.08 13.53 -12.95
C SER B 34 -0.30 12.37 -13.87
N GLU B 35 -0.23 12.59 -15.17
CA GLU B 35 -0.44 11.49 -16.08
C GLU B 35 0.68 10.45 -15.96
N ARG B 36 1.89 10.92 -15.69
CA ARG B 36 3.06 10.05 -15.57
C ARG B 36 3.02 9.14 -14.35
N PHE B 37 2.11 9.39 -13.42
CA PHE B 37 1.92 8.48 -12.28
C PHE B 37 1.54 7.04 -12.67
N LYS B 38 0.88 6.88 -13.82
CA LYS B 38 0.50 5.56 -14.30
C LYS B 38 1.71 4.70 -14.66
N GLU B 39 2.88 5.32 -14.92
CA GLU B 39 4.14 4.61 -15.24
C GLU B 39 4.74 3.89 -14.04
N LEU B 40 4.26 4.25 -12.85
CA LEU B 40 4.73 3.62 -11.62
C LEU B 40 3.76 2.54 -11.22
N THR B 41 4.29 1.38 -10.83
CA THR B 41 3.47 0.28 -10.33
C THR B 41 3.94 -0.11 -8.95
N PRO B 42 3.02 -0.53 -8.09
CA PRO B 42 3.42 -0.83 -6.72
C PRO B 42 4.07 -2.22 -6.65
N ASN B 43 5.18 -2.31 -5.93
CA ASN B 43 5.84 -3.59 -5.71
C ASN B 43 5.26 -4.28 -4.47
N TYR B 44 4.73 -5.49 -4.65
CA TYR B 44 4.10 -6.26 -3.56
C TYR B 44 4.87 -7.56 -3.29
N ASN B 45 6.16 -7.54 -3.53
CA ASN B 45 7.00 -8.71 -3.31
C ASN B 45 7.02 -9.08 -1.82
N PRO B 46 6.55 -10.28 -1.48
CA PRO B 46 6.51 -10.66 -0.07
C PRO B 46 7.87 -10.80 0.59
N ASP B 47 8.93 -10.87 -0.20
CA ASP B 47 10.28 -10.99 0.33
C ASP B 47 10.94 -9.64 0.46
N ILE B 48 10.13 -8.58 0.42
CA ILE B 48 10.61 -7.23 0.66
C ILE B 48 9.72 -6.56 1.71
N ILE B 49 10.37 -5.85 2.64
CA ILE B 49 9.68 -5.08 3.67
C ILE B 49 9.68 -3.63 3.24
N PHE B 50 8.49 -3.04 3.19
CA PHE B 50 8.36 -1.61 2.90
C PHE B 50 7.96 -0.89 4.18
N LYS B 51 8.76 0.10 4.57
CA LYS B 51 8.55 0.82 5.81
C LYS B 51 7.18 1.53 5.79
N ASP B 52 6.90 2.26 4.71
CA ASP B 52 5.60 2.91 4.51
C ASP B 52 5.15 3.68 5.75
N GLU B 53 6.01 4.52 6.29
CA GLU B 53 5.70 5.30 7.50
C GLU B 53 4.74 6.40 7.15
N GLU B 54 4.71 6.77 5.86
CA GLU B 54 3.73 7.71 5.35
C GLU B 54 2.27 7.15 5.41
N ASN B 55 2.14 5.83 5.48
CA ASN B 55 0.85 5.09 5.37
C ASN B 55 0.08 5.45 4.11
N THR B 56 0.82 5.64 3.03
CA THR B 56 0.25 5.93 1.72
C THR B 56 0.52 4.87 0.67
N GLY B 57 1.51 4.01 0.91
CA GLY B 57 1.90 3.06 -0.11
C GLY B 57 2.95 3.62 -1.05
N ALA B 58 3.33 4.88 -0.87
CA ALA B 58 4.27 5.56 -1.77
C ALA B 58 5.61 4.85 -1.91
N ASP B 59 6.13 4.30 -0.80
CA ASP B 59 7.41 3.55 -0.85
C ASP B 59 7.39 2.33 -1.81
N ARG B 60 6.20 1.77 -2.08
CA ARG B 60 6.07 0.62 -2.97
C ARG B 60 6.11 1.02 -4.44
N LEU B 61 5.97 2.31 -4.74
CA LEU B 61 5.85 2.73 -6.13
C LEU B 61 7.20 3.01 -6.75
N MET B 62 7.41 2.44 -7.93
CA MET B 62 8.68 2.54 -8.65
C MET B 62 8.50 2.13 -10.12
N THR B 63 9.50 2.42 -10.96
CA THR B 63 9.46 2.04 -12.38
C THR B 63 9.71 0.55 -12.57
N GLN B 64 9.40 0.02 -13.74
CA GLN B 64 9.59 -1.39 -14.03
C GLN B 64 11.05 -1.78 -13.78
N ARG B 65 11.99 -0.97 -14.24
CA ARG B 65 13.41 -1.35 -14.09
C ARG B 65 13.83 -1.39 -12.62
N CYS B 66 13.32 -0.47 -11.84
CA CYS B 66 13.63 -0.43 -10.43
C CYS B 66 13.09 -1.70 -9.78
N LYS B 67 11.86 -2.04 -10.14
CA LYS B 67 11.24 -3.28 -9.70
C LYS B 67 12.10 -4.52 -10.02
N ASP B 68 12.59 -4.63 -11.25
CA ASP B 68 13.38 -5.79 -11.64
C ASP B 68 14.62 -5.92 -10.77
N LYS B 69 15.32 -4.80 -10.54
CA LYS B 69 16.58 -4.85 -9.83
C LYS B 69 16.34 -5.12 -8.36
N LEU B 70 15.33 -4.48 -7.82
CA LEU B 70 14.97 -4.65 -6.40
C LEU B 70 14.57 -6.09 -6.14
N ASN B 71 13.80 -6.68 -7.07
CA ASN B 71 13.37 -8.07 -6.94
C ASN B 71 14.51 -9.05 -7.03
N ALA B 72 15.49 -8.77 -7.88
CA ALA B 72 16.69 -9.59 -7.89
C ALA B 72 17.46 -9.46 -6.58
N LEU B 73 17.54 -8.24 -6.06
CA LEU B 73 18.25 -8.01 -4.82
C LEU B 73 17.58 -8.69 -3.63
N ALA B 74 16.26 -8.73 -3.63
CA ALA B 74 15.54 -9.41 -2.58
C ALA B 74 16.00 -10.87 -2.42
N ILE B 75 16.25 -11.54 -3.53
CA ILE B 75 16.71 -12.95 -3.53
C ILE B 75 18.13 -13.10 -2.96
N SER B 76 19.07 -12.31 -3.47
CA SER B 76 20.47 -12.40 -3.02
C SER B 76 20.64 -12.03 -1.55
N VAL B 77 19.77 -11.15 -1.04
CA VAL B 77 19.78 -10.77 0.40
C VAL B 77 19.40 -11.95 1.28
N MET B 78 18.32 -12.65 0.92
CA MET B 78 17.96 -13.87 1.64
C MET B 78 19.01 -14.99 1.53
N ASN B 79 19.72 -15.09 0.40
CA ASN B 79 20.82 -16.07 0.28
C ASN B 79 22.04 -15.69 1.11
N GLN B 80 22.29 -14.40 1.23
CA GLN B 80 23.44 -13.90 1.97
C GLN B 80 23.27 -14.12 3.48
N TRP B 81 22.10 -13.77 4.01
CA TRP B 81 21.81 -13.86 5.43
C TRP B 81 20.53 -14.65 5.70
N PRO B 82 20.66 -15.97 5.95
CA PRO B 82 19.49 -16.76 6.28
C PRO B 82 18.62 -16.09 7.35
N GLY B 83 17.33 -15.90 7.04
CA GLY B 83 16.38 -15.34 7.99
C GLY B 83 16.18 -13.83 7.86
N VAL B 84 16.89 -13.20 6.92
CA VAL B 84 16.91 -11.76 6.80
C VAL B 84 16.31 -11.37 5.45
N LYS B 85 15.71 -10.18 5.37
CA LYS B 85 15.12 -9.70 4.13
C LYS B 85 15.55 -8.30 3.74
N LEU B 86 15.41 -8.00 2.46
CA LEU B 86 15.56 -6.64 1.95
C LEU B 86 14.48 -5.71 2.51
N ARG B 87 14.86 -4.50 2.91
CA ARG B 87 13.90 -3.52 3.42
C ARG B 87 14.04 -2.19 2.67
N VAL B 88 12.91 -1.61 2.26
CA VAL B 88 12.89 -0.30 1.62
C VAL B 88 12.27 0.74 2.56
N THR B 89 12.98 1.85 2.79
CA THR B 89 12.49 2.93 3.62
C THR B 89 11.92 4.11 2.82
N GLU B 90 12.34 4.23 1.56
CA GLU B 90 11.89 5.28 0.63
C GLU B 90 11.94 4.72 -0.75
N GLY B 91 10.86 4.89 -1.50
CA GLY B 91 10.83 4.60 -2.92
C GLY B 91 10.49 5.89 -3.63
N TRP B 92 9.43 5.88 -4.41
CA TRP B 92 8.88 7.13 -4.93
C TRP B 92 8.52 8.00 -3.74
N ASP B 93 8.77 9.31 -3.86
CA ASP B 93 8.52 10.24 -2.76
C ASP B 93 7.69 11.40 -3.23
N GLU B 94 6.67 11.75 -2.44
CA GLU B 94 5.85 12.92 -2.70
C GLU B 94 5.95 13.92 -1.54
N ASP B 95 6.72 13.59 -0.51
CA ASP B 95 6.94 14.46 0.66
C ASP B 95 7.92 15.60 0.38
N GLY B 96 8.75 15.47 -0.64
CA GLY B 96 9.79 16.48 -0.93
C GLY B 96 11.00 16.38 -0.01
N HIS B 97 11.37 15.17 0.40
CA HIS B 97 12.42 14.95 1.37
C HIS B 97 13.79 14.59 0.87
N HIS B 98 14.09 14.90 -0.39
CA HIS B 98 15.37 14.56 -0.96
C HIS B 98 15.89 15.81 -1.67
N SER B 99 17.07 15.70 -2.26
CA SER B 99 17.64 16.85 -2.98
C SER B 99 16.66 17.25 -4.07
N GLU B 100 16.57 18.55 -4.40
CA GLU B 100 15.87 19.00 -5.61
C GLU B 100 16.43 18.18 -6.78
N GLU B 101 15.54 17.68 -7.63
CA GLU B 101 15.91 16.79 -8.75
C GLU B 101 16.26 15.32 -8.36
N SER B 102 15.81 14.84 -7.20
CA SER B 102 16.10 13.46 -6.76
C SER B 102 15.38 12.44 -7.62
N LEU B 103 16.06 11.35 -7.93
CA LEU B 103 15.41 10.28 -8.69
C LEU B 103 14.29 9.61 -7.92
N HIS B 104 14.23 9.80 -6.59
CA HIS B 104 13.09 9.30 -5.82
C HIS B 104 11.79 9.92 -6.32
N TYR B 105 11.84 11.16 -6.82
CA TYR B 105 10.61 11.86 -7.23
C TYR B 105 10.05 11.31 -8.52
N GLU B 106 10.82 10.43 -9.14
CA GLU B 106 10.51 9.87 -10.43
C GLU B 106 10.35 8.35 -10.38
N GLY B 107 10.37 7.78 -9.17
CA GLY B 107 10.26 6.33 -9.02
C GLY B 107 11.46 5.52 -9.46
N ARG B 108 12.59 6.18 -9.60
CA ARG B 108 13.80 5.54 -10.08
C ARG B 108 14.88 5.29 -9.01
N ALA B 109 14.51 5.42 -7.75
CA ALA B 109 15.45 5.24 -6.66
C ALA B 109 14.82 4.61 -5.43
N VAL B 110 15.61 3.85 -4.68
CA VAL B 110 15.21 3.33 -3.38
C VAL B 110 16.33 3.56 -2.37
N ASP B 111 15.93 3.83 -1.14
CA ASP B 111 16.82 3.79 0.00
C ASP B 111 16.49 2.48 0.72
N ILE B 112 17.51 1.69 1.06
CA ILE B 112 17.31 0.34 1.59
C ILE B 112 18.16 0.05 2.83
N THR B 113 17.69 -0.92 3.61
CA THR B 113 18.41 -1.48 4.74
C THR B 113 18.18 -2.99 4.70
N THR B 114 18.74 -3.72 5.66
CA THR B 114 18.35 -5.09 5.93
C THR B 114 17.21 -5.03 6.89
N SER B 115 16.37 -6.06 6.89
CA SER B 115 15.20 -6.10 7.76
C SER B 115 15.59 -6.09 9.23
N ASP B 116 16.69 -6.75 9.58
CA ASP B 116 17.17 -6.77 10.97
C ASP B 116 17.87 -5.47 11.40
N ARG B 117 18.16 -4.59 10.45
CA ARG B 117 18.73 -3.27 10.72
C ARG B 117 20.15 -3.29 11.29
N ASP B 118 20.86 -4.39 11.04
CA ASP B 118 22.25 -4.53 11.39
C ASP B 118 23.09 -3.69 10.43
N ARG B 119 23.54 -2.55 10.89
CA ARG B 119 24.29 -1.59 10.06
C ARG B 119 25.60 -2.16 9.53
N SER B 120 26.13 -3.18 10.21
CA SER B 120 27.36 -3.83 9.78
C SER B 120 27.12 -4.61 8.48
N LYS B 121 25.86 -4.90 8.15
CA LYS B 121 25.54 -5.57 6.87
C LYS B 121 25.45 -4.64 5.67
N TYR B 122 25.40 -3.34 5.90
CA TYR B 122 24.99 -2.42 4.83
C TYR B 122 26.04 -2.26 3.74
N GLY B 123 27.32 -2.37 4.09
CA GLY B 123 28.40 -2.40 3.08
C GLY B 123 28.20 -3.50 2.06
N MET B 124 27.88 -4.69 2.56
CA MET B 124 27.62 -5.84 1.74
C MET B 124 26.28 -5.71 1.04
N LEU B 125 25.28 -5.14 1.73
CA LEU B 125 24.01 -4.89 1.10
C LEU B 125 24.21 -4.07 -0.17
N ALA B 126 25.04 -3.04 -0.09
CA ALA B 126 25.26 -2.18 -1.24
C ALA B 126 25.91 -2.95 -2.37
N ARG B 127 26.90 -3.78 -2.01
CA ARG B 127 27.55 -4.64 -2.99
C ARG B 127 26.55 -5.55 -3.69
N LEU B 128 25.65 -6.16 -2.94
CA LEU B 128 24.64 -7.01 -3.58
C LEU B 128 23.74 -6.20 -4.53
N ALA B 129 23.44 -4.96 -4.15
CA ALA B 129 22.63 -4.08 -4.98
C ALA B 129 23.32 -3.82 -6.32
N VAL B 130 24.62 -3.64 -6.30
CA VAL B 130 25.41 -3.52 -7.53
C VAL B 130 25.32 -4.77 -8.38
N GLU B 131 25.50 -5.93 -7.76
CA GLU B 131 25.41 -7.23 -8.47
C GLU B 131 24.01 -7.50 -9.00
N ALA B 132 22.98 -6.99 -8.31
CA ALA B 132 21.62 -7.14 -8.80
C ALA B 132 21.33 -6.22 -10.00
N GLY B 133 22.24 -5.32 -10.33
CA GLY B 133 22.12 -4.55 -11.55
C GLY B 133 21.60 -3.13 -11.39
N PHE B 134 21.56 -2.58 -10.17
CA PHE B 134 21.20 -1.18 -10.02
C PHE B 134 22.25 -0.35 -10.72
N ASP B 135 21.82 0.71 -11.38
CA ASP B 135 22.73 1.46 -12.24
C ASP B 135 23.58 2.46 -11.44
N TRP B 136 23.15 2.82 -10.24
CA TRP B 136 23.99 3.59 -9.32
C TRP B 136 23.66 3.12 -7.91
N VAL B 137 24.70 2.84 -7.14
CA VAL B 137 24.55 2.45 -5.74
C VAL B 137 25.49 3.31 -4.89
N TYR B 138 24.95 3.94 -3.84
CA TYR B 138 25.68 4.90 -3.02
C TYR B 138 25.43 4.58 -1.56
N TYR B 139 26.48 4.33 -0.81
CA TYR B 139 26.38 4.12 0.63
C TYR B 139 26.23 5.52 1.23
N GLU B 140 25.02 6.05 1.11
CA GLU B 140 24.76 7.47 1.33
C GLU B 140 24.82 7.83 2.81
N SER B 141 24.48 6.87 3.67
CA SER B 141 24.29 7.17 5.08
C SER B 141 24.53 5.92 5.93
N LYS B 142 24.86 6.12 7.20
CA LYS B 142 25.07 4.98 8.12
C LYS B 142 23.78 4.18 8.17
N ALA B 143 22.66 4.87 8.00
CA ALA B 143 21.33 4.29 8.13
C ALA B 143 20.79 3.60 6.88
N HIS B 144 21.30 3.92 5.70
CA HIS B 144 20.74 3.33 4.46
C HIS B 144 21.67 3.37 3.24
N ILE B 145 21.41 2.49 2.27
CA ILE B 145 22.01 2.56 0.93
C ILE B 145 20.99 3.18 -0.03
N HIS B 146 21.43 4.15 -0.85
CA HIS B 146 20.63 4.71 -1.96
C HIS B 146 20.99 4.00 -3.28
N CYS B 147 19.98 3.48 -3.96
CA CYS B 147 20.16 2.80 -5.26
C CYS B 147 19.23 3.42 -6.28
N SER B 148 19.71 3.65 -7.49
CA SER B 148 18.84 4.15 -8.55
C SER B 148 19.00 3.38 -9.84
N VAL B 149 18.05 3.60 -10.75
CA VAL B 149 18.10 3.01 -12.07
C VAL B 149 17.88 4.05 -13.16
N LYS B 150 18.40 3.71 -14.33
CA LYS B 150 18.11 4.38 -15.57
C LYS B 150 16.62 4.43 -15.89
N ALA B 151 16.24 5.44 -16.65
CA ALA B 151 14.90 5.61 -17.19
C ALA B 151 14.52 4.48 -18.14
N GLU B 152 13.23 4.20 -18.25
CA GLU B 152 12.73 3.12 -19.13
C GLU B 152 13.10 3.30 -20.59
N ASN B 153 13.31 4.56 -21.01
CA ASN B 153 13.71 4.86 -22.40
C ASN B 153 15.12 4.33 -22.80
N SER B 154 15.95 3.97 -21.82
CA SER B 154 17.28 3.39 -22.07
C SER B 154 17.60 2.23 -21.13
C1 IDS C . -18.38 -21.19 21.68
C2 IDS C . -19.10 -20.33 20.63
C3 IDS C . -19.03 -18.83 20.92
C4 IDS C . -17.66 -18.39 21.45
C5 IDS C . -17.15 -19.37 22.52
C6 IDS C . -15.81 -18.96 23.04
O1 IDS C . -19.16 -21.22 22.88
O2 IDS C . -18.54 -20.60 19.35
O3 IDS C . -20.06 -18.50 21.85
O4 IDS C . -16.73 -18.31 20.35
O5 IDS C . -17.08 -20.67 21.94
O6A IDS C . -14.79 -19.32 22.41
O6B IDS C . -15.76 -18.28 24.08
S IDS C . -17.90 -21.97 19.10
O1S IDS C . -16.61 -21.78 18.51
O2S IDS C . -18.86 -22.83 18.08
O3S IDS C . -17.77 -22.67 20.34
C1 SGN C . -16.85 -16.98 19.80
C2 SGN C . -16.09 -16.84 18.47
C3 SGN C . -14.60 -17.09 18.68
C4 SGN C . -14.10 -16.12 19.76
C5 SGN C . -14.96 -16.19 21.00
C6 SGN C . -14.50 -15.14 22.02
N2 SGN C . -16.61 -17.74 17.44
O3 SGN C . -13.91 -16.89 17.45
O4 SGN C . -12.74 -16.41 20.11
O5 SGN C . -16.35 -15.98 20.68
O6 SGN C . -14.67 -13.82 21.48
S1 SGN C . -16.72 -17.24 15.92
O1S SGN C . -18.07 -17.40 15.44
O2S SGN C . -16.35 -15.85 15.83
O3S SGN C . -15.72 -18.11 14.98
S2 SGN C . -15.44 -12.77 22.30
O4S SGN C . -16.84 -12.92 22.06
O5S SGN C . -14.95 -11.27 21.89
O6S SGN C . -15.17 -12.97 23.71
C1 IDS C . -12.00 -15.17 20.05
C2 IDS C . -10.63 -15.34 20.72
C3 IDS C . -9.72 -16.20 19.85
C4 IDS C . -9.76 -15.75 18.39
C5 IDS C . -11.20 -15.66 17.88
C6 IDS C . -11.23 -15.25 16.43
O2 IDS C . -10.01 -14.07 20.98
O3 IDS C . -10.13 -17.57 19.95
O4 IDS C . -9.15 -14.46 18.28
O5 IDS C . -11.88 -14.72 18.70
O6A IDS C . -10.33 -15.65 15.66
O6B IDS C . -12.17 -14.53 16.05
S IDS C . -10.15 -13.32 22.32
O1S IDS C . -9.87 -11.92 22.14
O2S IDS C . -9.12 -13.89 23.47
O3S IDS C . -11.49 -13.47 22.81
C1 SGN C . -7.76 -14.66 18.05
C2 SGN C . -6.96 -13.50 18.64
C3 SGN C . -7.26 -12.24 17.86
C4 SGN C . -6.81 -12.51 16.43
C5 SGN C . -7.64 -13.66 15.86
C6 SGN C . -7.23 -14.01 14.43
N2 SGN C . -7.22 -13.35 20.05
O3 SGN C . -6.56 -11.11 18.41
O4 SGN C . -6.90 -11.33 15.63
O5 SGN C . -7.46 -14.83 16.67
O6 SGN C . -5.85 -13.71 14.22
S1 SGN C . -6.12 -13.81 21.10
O1S SGN C . -6.38 -13.20 22.38
O2S SGN C . -6.17 -15.25 21.24
O3S SGN C . -4.63 -13.40 20.56
S2 SGN C . -4.86 -14.77 13.70
O4S SGN C . -3.52 -14.27 13.79
O5S SGN C . -5.19 -15.11 12.14
O6S SGN C . -4.98 -15.96 14.49
C1 IDS C . -5.73 -11.26 14.77
C2 IDS C . -5.94 -10.20 13.67
C3 IDS C . -4.69 -9.32 13.46
C4 IDS C . -4.09 -8.74 14.75
C5 IDS C . -4.57 -9.59 15.92
C6 IDS C . -3.73 -9.37 17.17
O2 IDS C . -6.31 -10.87 12.45
O3 IDS C . -5.02 -8.21 12.60
O4 IDS C . -2.66 -8.67 14.66
O5 IDS C . -4.55 -10.95 15.53
O6A IDS C . -2.95 -10.26 17.53
O6B IDS C . -3.87 -8.29 17.79
S IDS C . -7.76 -11.33 12.14
O1S IDS C . -7.90 -11.70 10.75
O2S IDS C . -8.81 -10.12 12.50
O3S IDS C . -8.11 -12.46 12.95
C1 SGN C . -2.19 -7.34 14.96
C2 SGN C . -1.63 -6.66 13.71
C3 SGN C . -0.42 -7.44 13.22
C4 SGN C . 0.64 -7.24 14.28
C5 SGN C . 0.14 -7.78 15.62
C6 SGN C . 1.20 -7.44 16.66
N2 SGN C . -2.60 -6.47 12.66
O3 SGN C . 0.04 -6.96 11.96
O4 SGN C . 1.87 -7.90 13.93
O5 SGN C . -1.16 -7.25 15.96
O6 SGN C . 0.71 -7.47 18.00
S1 SGN C . -2.50 -5.13 11.79
O1S SGN C . -3.07 -5.33 10.50
O2S SGN C . -3.20 -4.06 12.46
O3S SGN C . -0.92 -4.71 11.62
S2 SGN C . 1.69 -7.60 19.17
O4S SGN C . 1.99 -6.30 19.72
O5S SGN C . 3.07 -8.30 18.65
O6S SGN C . 1.09 -8.42 20.19
C1 SGN D . 8.96 -0.57 14.85
C2 SGN D . 9.39 0.69 14.08
C3 SGN D . 10.69 1.33 14.60
C4 SGN D . 10.82 1.32 16.12
C5 SGN D . 10.38 -0.02 16.73
C6 SGN D . 10.37 0.06 18.26
N2 SGN D . 9.50 0.35 12.68
O1 SGN D . 9.74 -1.70 14.44
O3 SGN D . 10.75 2.70 14.16
O4 SGN D . 12.21 1.56 16.48
O5 SGN D . 9.08 -0.37 16.27
O6 SGN D . 9.28 0.87 18.72
S1 SGN D . 9.81 1.45 11.55
O1S SGN D . 10.61 0.85 10.53
O2S SGN D . 8.57 1.89 10.97
O3S SGN D . 10.60 2.72 12.19
S2 SGN D . 8.44 0.48 19.97
O4S SGN D . 7.33 1.37 20.14
O5S SGN D . 9.39 0.52 21.30
O6S SGN D . 7.93 -0.86 19.82
C1 IDS D . 12.49 2.97 16.39
C2 IDS D . 13.73 3.33 17.20
C3 IDS D . 14.96 2.62 16.57
C4 IDS D . 15.08 2.82 15.05
C5 IDS D . 13.71 2.69 14.35
C6 IDS D . 13.80 3.18 12.93
O2 IDS D . 13.92 4.76 17.30
O3 IDS D . 14.90 1.21 16.85
O4 IDS D . 15.72 4.07 14.77
O5 IDS D . 12.68 3.41 15.04
O6A IDS D . 14.47 2.51 12.11
O6B IDS D . 13.19 4.23 12.62
S IDS D . 14.48 5.54 18.52
O1S IDS D . 15.00 6.80 18.08
O2S IDS D . 15.70 4.70 19.21
O3S IDS D . 13.45 5.81 19.48
C1 SGN D . 16.90 3.84 13.94
C2 SGN D . 18.19 4.47 14.49
C3 SGN D . 18.06 5.99 14.48
C4 SGN D . 17.72 6.46 13.07
C5 SGN D . 16.47 5.74 12.55
C6 SGN D . 16.10 6.10 11.12
N2 SGN D . 18.54 3.99 15.82
O3 SGN D . 19.27 6.61 14.95
O4 SGN D . 17.51 7.88 13.08
O5 SGN D . 16.69 4.33 12.61
O6 SGN D . 16.45 5.01 10.26
S1 SGN D . 19.45 2.67 16.03
O1S SGN D . 19.18 2.11 17.33
O2S SGN D . 19.11 1.69 15.02
O3S SGN D . 21.04 3.04 15.94
S2 SGN D . 15.43 4.27 9.36
O4S SGN D . 15.49 2.84 9.58
O5S SGN D . 15.81 4.58 7.80
O6S SGN D . 14.10 4.75 9.65
C1 IDS D . 18.09 8.48 11.91
C2 IDS D . 17.48 9.86 11.75
C3 IDS D . 17.97 10.82 12.84
C4 IDS D . 19.46 10.71 13.18
C5 IDS D . 19.94 9.25 13.16
C6 IDS D . 21.44 9.17 13.31
O2 IDS D . 17.77 10.39 10.44
O3 IDS D . 17.29 10.55 14.06
O4 IDS D . 20.15 11.62 12.32
O5 IDS D . 19.52 8.59 11.97
O6A IDS D . 21.92 8.05 13.62
O6B IDS D . 22.13 10.20 13.14
S IDS D . 16.64 10.78 9.47
O1S IDS D . 17.12 10.71 8.12
O2S IDS D . 16.16 12.31 9.78
O3S IDS D . 15.51 9.91 9.65
C1 SGN D . 20.01 12.91 12.94
C2 SGN D . 19.40 13.97 12.02
C3 SGN D . 20.27 14.11 10.78
C4 SGN D . 21.69 14.46 11.21
C5 SGN D . 22.20 13.49 12.27
C6 SGN D . 23.55 13.90 12.81
N2 SGN D . 18.01 13.69 11.68
O3 SGN D . 19.75 15.12 9.90
O4 SGN D . 22.53 14.41 10.06
O5 SGN D . 21.27 13.42 13.36
O6 SGN D . 24.01 12.91 13.74
S1 SGN D . 16.92 14.88 11.74
O1S SGN D . 15.70 14.47 11.10
O2S SGN D . 16.64 15.19 13.11
O3S SGN D . 17.52 16.19 10.97
S2 SGN D . 24.14 13.26 15.24
O4S SGN D . 25.07 12.37 15.87
O5S SGN D . 22.67 13.11 15.95
O6S SGN D . 24.60 14.61 15.38
C1 IDS D . 23.84 14.82 10.49
C2 IDS D . 24.80 13.88 9.79
C3 IDS D . 24.50 13.98 8.31
C4 IDS D . 24.88 15.38 7.89
C5 IDS D . 24.10 16.42 8.69
C6 IDS D . 24.72 17.76 8.42
O2 IDS D . 26.12 14.33 10.05
O3 IDS D . 23.10 13.77 8.11
O4 IDS D . 26.28 15.57 8.14
O5 IDS D . 24.14 16.15 10.10
O6A IDS D . 25.89 17.96 8.82
O6B IDS D . 24.06 18.61 7.80
S IDS D . 27.02 13.53 11.00
O1S IDS D . 27.96 14.42 11.61
O2S IDS D . 27.80 12.37 10.15
O3S IDS D . 26.20 12.93 12.02
ZN ZN E . -17.53 -8.53 5.20
CA CA F . -8.96 -11.06 1.21
CA CA G . -7.35 -8.44 4.23
ZN ZN H . 17.82 7.89 -1.69
CA CA I . 9.06 6.13 3.48
CA CA J . 8.66 9.78 1.47
CL CL K . 0.50 5.26 -3.33
#